data_9BV5
#
_entry.id   9BV5
#
_cell.length_a   76.364
_cell.length_b   98.393
_cell.length_c   132.262
_cell.angle_alpha   90.00
_cell.angle_beta   90.00
_cell.angle_gamma   90.00
#
_symmetry.space_group_name_H-M   'I 2 2 2'
#
loop_
_entity.id
_entity.type
_entity.pdbx_description
1 polymer 'Cytochrome P450 3A4'
2 non-polymer 'PROTOPORPHYRIN IX CONTAINING FE'
3 non-polymer N-[(2P)-2-(1H-imidazol-1-yl)-5-(trifluoromethyl)phenyl]-2,2-dimethylpropanamide
4 non-polymer 1,2-ETHANEDIOL
5 water water
#
_entity_poly.entity_id   1
_entity_poly.type   'polypeptide(L)'
_entity_poly.pdbx_seq_one_letter_code
;MALYGTHSHGLFKKLGIPGPTPLPFLGNILSYHKGFCMFDMECHKKYGKVWGFYDGQQPVLAITDPDMIKTVLVKECYSV
FTNRRPFGPVGFMKSAISIAEDEEWKRLRSLLSPTFTSGKLKEMVPIIAQYGDVLVRNLRREAETGKPVTLKDVFGAYSM
DVITSTSFGVNIDSLNNPQDPFVENTKKLLRFDFLDPFFLSITVFPFLIPILEVLNICVFPREVTNFLRKSVKRMKESRL
EDTQKHRVDFLQLMIDSQNSKETESHKALSDLELVAQSIIFIFAGYETTSSVLSFIMYELATHPDVQQKLQEEIDAVLPN
KAPPTYDTVLQMEYLDMVVNETLRLFPIAMRLERVCKKDVEINGMFIPKGVVVMIPSYALHRDPKYWTEPEKFLPERFSK
KNKDNIDPYIYTPFGSGPRNCIGMRFALMNMKLALIRVLQNFSFKPCKETQIPLKLSLGGLLQPEKPVVLKVESRDGTVS
GAHHHH
;
_entity_poly.pdbx_strand_id   A
#
loop_
_chem_comp.id
_chem_comp.type
_chem_comp.name
_chem_comp.formula
A1ASV non-polymer N-[(2P)-2-(1H-imidazol-1-yl)-5-(trifluoromethyl)phenyl]-2,2-dimethylpropanamide 'C15 H16 F3 N3 O'
EDO non-polymer 1,2-ETHANEDIOL 'C2 H6 O2'
HEM non-polymer 'PROTOPORPHYRIN IX CONTAINING FE' 'C34 H32 Fe N4 O4'
#
# COMPACT_ATOMS: atom_id res chain seq x y z
N HIS A 7 31.69 -6.52 -11.42
CA HIS A 7 31.21 -6.50 -12.79
C HIS A 7 30.58 -5.16 -13.14
N SER A 8 29.38 -4.93 -12.61
CA SER A 8 28.67 -3.67 -12.79
C SER A 8 28.99 -2.67 -11.69
N HIS A 9 29.82 -3.05 -10.72
CA HIS A 9 30.07 -2.22 -9.54
C HIS A 9 31.06 -1.10 -9.82
N GLY A 10 31.08 -0.62 -11.06
CA GLY A 10 31.90 0.51 -11.44
C GLY A 10 31.12 1.48 -12.31
N LEU A 11 29.81 1.24 -12.43
CA LEU A 11 28.96 2.06 -13.29
C LEU A 11 28.83 3.47 -12.73
N PHE A 12 28.45 3.59 -11.46
CA PHE A 12 28.25 4.90 -10.85
C PHE A 12 29.55 5.65 -10.65
N LYS A 13 30.69 4.94 -10.61
CA LYS A 13 31.98 5.63 -10.46
C LYS A 13 32.37 6.32 -11.76
N LYS A 14 32.14 5.68 -12.90
CA LYS A 14 32.48 6.29 -14.19
C LYS A 14 31.57 7.47 -14.50
N LEU A 15 30.32 7.43 -14.05
CA LEU A 15 29.37 8.51 -14.28
C LEU A 15 29.56 9.68 -13.32
N GLY A 16 30.49 9.59 -12.38
CA GLY A 16 30.66 10.63 -11.39
C GLY A 16 29.52 10.75 -10.41
N ILE A 17 28.88 9.62 -10.08
CA ILE A 17 27.74 9.60 -9.17
C ILE A 17 28.21 9.07 -7.83
N PRO A 18 27.98 9.78 -6.72
CA PRO A 18 28.42 9.29 -5.41
C PRO A 18 27.52 8.17 -4.91
N GLY A 19 27.93 7.59 -3.78
CA GLY A 19 27.19 6.52 -3.16
C GLY A 19 28.09 5.61 -2.34
N PRO A 20 27.48 4.63 -1.67
CA PRO A 20 28.27 3.69 -0.87
C PRO A 20 29.11 2.78 -1.75
N THR A 21 30.34 2.53 -1.32
CA THR A 21 31.25 1.68 -2.08
C THR A 21 30.76 0.23 -2.04
N PRO A 22 30.49 -0.39 -3.18
CA PRO A 22 29.94 -1.75 -3.16
C PRO A 22 30.99 -2.81 -2.92
N LEU A 23 30.57 -3.87 -2.24
CA LEU A 23 31.39 -5.06 -2.06
C LEU A 23 31.10 -6.05 -3.17
N PRO A 24 32.09 -6.86 -3.56
CA PRO A 24 31.85 -7.84 -4.62
C PRO A 24 30.75 -8.82 -4.25
N PHE A 25 30.03 -9.29 -5.27
CA PHE A 25 28.90 -10.20 -5.13
C PHE A 25 27.74 -9.55 -4.36
N LEU A 26 28.00 -9.11 -3.13
CA LEU A 26 26.91 -8.59 -2.30
C LEU A 26 26.47 -7.20 -2.74
N GLY A 27 27.42 -6.34 -3.09
CA GLY A 27 27.10 -4.97 -3.43
C GLY A 27 26.97 -4.09 -2.20
N ASN A 28 25.76 -3.56 -1.98
CA ASN A 28 25.49 -2.71 -0.83
C ASN A 28 24.42 -3.30 0.08
N ILE A 29 24.07 -4.57 -0.08
CA ILE A 29 23.00 -5.16 0.71
C ILE A 29 23.35 -5.23 2.19
N LEU A 30 24.63 -5.19 2.54
CA LEU A 30 25.02 -5.23 3.94
C LEU A 30 24.55 -3.99 4.69
N SER A 31 24.41 -2.87 3.99
CA SER A 31 23.94 -1.64 4.64
C SER A 31 22.45 -1.65 4.93
N TYR A 32 21.76 -2.76 4.64
CA TYR A 32 20.34 -2.90 4.92
C TYR A 32 20.05 -3.40 6.34
N HIS A 33 21.08 -3.55 7.17
CA HIS A 33 20.88 -4.08 8.52
C HIS A 33 20.05 -3.15 9.40
N LYS A 34 19.80 -1.92 8.97
CA LYS A 34 18.93 -1.00 9.69
C LYS A 34 17.61 -0.76 8.96
N GLY A 35 17.35 -1.49 7.88
CA GLY A 35 16.13 -1.35 7.12
C GLY A 35 16.31 -0.49 5.88
N PHE A 36 15.31 -0.56 5.00
CA PHE A 36 15.32 0.26 3.79
C PHE A 36 15.25 1.74 4.12
N CYS A 37 14.46 2.10 5.15
CA CYS A 37 14.21 3.51 5.44
C CYS A 37 15.47 4.19 5.98
N MET A 38 16.16 3.54 6.91
CA MET A 38 17.36 4.15 7.47
C MET A 38 18.45 4.27 6.41
N PHE A 39 18.56 3.27 5.52
CA PHE A 39 19.58 3.31 4.48
C PHE A 39 19.36 4.48 3.53
N ASP A 40 18.10 4.80 3.23
CA ASP A 40 17.81 5.92 2.33
C ASP A 40 18.08 7.25 3.02
N MET A 41 17.79 7.34 4.32
CA MET A 41 18.04 8.58 5.06
C MET A 41 19.53 8.88 5.16
N GLU A 42 20.35 7.86 5.42
CA GLU A 42 21.79 8.07 5.53
C GLU A 42 22.38 8.47 4.19
N CYS A 43 22.03 7.75 3.12
CA CYS A 43 22.56 8.07 1.80
C CYS A 43 22.16 9.48 1.37
N HIS A 44 20.96 9.90 1.73
CA HIS A 44 20.51 11.26 1.38
C HIS A 44 21.33 12.30 2.12
N LYS A 45 21.67 12.05 3.38
CA LYS A 45 22.40 13.04 4.16
C LYS A 45 23.88 13.09 3.77
N LYS A 46 24.43 11.99 3.26
CA LYS A 46 25.85 11.91 2.98
C LYS A 46 26.21 12.16 1.52
N TYR A 47 25.30 11.93 0.58
CA TYR A 47 25.62 12.00 -0.83
C TYR A 47 24.85 13.06 -1.61
N GLY A 48 23.87 13.71 -1.01
CA GLY A 48 23.22 14.84 -1.66
C GLY A 48 21.95 14.50 -2.43
N LYS A 49 21.81 15.12 -3.61
CA LYS A 49 20.56 15.03 -4.35
C LYS A 49 20.43 13.72 -5.12
N VAL A 50 21.53 13.15 -5.57
CA VAL A 50 21.51 11.88 -6.31
C VAL A 50 22.64 11.00 -5.81
N TRP A 51 22.38 9.70 -5.73
CA TRP A 51 23.39 8.73 -5.33
C TRP A 51 23.06 7.39 -5.96
N GLY A 52 24.02 6.48 -5.89
CA GLY A 52 23.84 5.16 -6.47
C GLY A 52 24.37 4.04 -5.59
N PHE A 53 23.64 2.93 -5.56
CA PHE A 53 24.03 1.74 -4.82
C PHE A 53 23.71 0.52 -5.66
N TYR A 54 23.98 -0.67 -5.10
CA TYR A 54 23.83 -1.92 -5.82
C TYR A 54 23.10 -2.93 -4.95
N ASP A 55 21.99 -3.46 -5.46
CA ASP A 55 21.33 -4.61 -4.87
C ASP A 55 21.95 -5.85 -5.52
N GLY A 56 23.04 -6.33 -4.93
CA GLY A 56 23.81 -7.37 -5.56
C GLY A 56 24.56 -6.84 -6.77
N GLN A 57 24.11 -7.23 -7.97
CA GLN A 57 24.66 -6.69 -9.20
C GLN A 57 23.80 -5.60 -9.83
N GLN A 58 22.54 -5.50 -9.42
CA GLN A 58 21.61 -4.56 -10.04
C GLN A 58 21.93 -3.13 -9.61
N PRO A 59 22.28 -2.23 -10.53
CA PRO A 59 22.51 -0.84 -10.16
C PRO A 59 21.19 -0.11 -9.93
N VAL A 60 21.19 0.74 -8.90
CA VAL A 60 20.01 1.52 -8.54
C VAL A 60 20.44 2.97 -8.36
N LEU A 61 19.82 3.88 -9.11
CA LEU A 61 20.07 5.31 -9.02
C LEU A 61 18.90 5.97 -8.30
N ALA A 62 19.18 6.66 -7.21
CA ALA A 62 18.16 7.36 -6.44
C ALA A 62 18.14 8.83 -6.84
N ILE A 63 16.95 9.34 -7.15
CA ILE A 63 16.78 10.72 -7.57
C ILE A 63 15.86 11.43 -6.58
N THR A 64 16.13 12.72 -6.36
CA THR A 64 15.34 13.53 -5.44
C THR A 64 14.81 14.82 -6.03
N ASP A 65 15.22 15.19 -7.24
CA ASP A 65 14.74 16.43 -7.83
C ASP A 65 13.28 16.27 -8.25
N PRO A 66 12.38 17.16 -7.81
CA PRO A 66 10.95 16.99 -8.18
C PRO A 66 10.69 17.00 -9.66
N ASP A 67 11.38 17.85 -10.42
CA ASP A 67 11.22 17.85 -11.87
C ASP A 67 11.72 16.55 -12.49
N MET A 68 12.82 16.02 -11.96
CA MET A 68 13.34 14.75 -12.46
C MET A 68 12.43 13.59 -12.07
N ILE A 69 11.84 13.67 -10.87
CA ILE A 69 10.89 12.64 -10.45
C ILE A 69 9.65 12.67 -11.34
N LYS A 70 9.19 13.87 -11.71
CA LYS A 70 8.06 13.98 -12.62
C LYS A 70 8.40 13.42 -14.00
N THR A 71 9.64 13.60 -14.44
CA THR A 71 10.05 13.08 -15.74
C THR A 71 10.03 11.56 -15.77
N VAL A 72 10.38 10.93 -14.65
CA VAL A 72 10.42 9.47 -14.60
C VAL A 72 9.01 8.89 -14.41
N LEU A 73 8.27 9.43 -13.44
CA LEU A 73 6.97 8.85 -13.09
C LEU A 73 5.86 9.26 -14.04
N VAL A 74 5.99 10.40 -14.73
CA VAL A 74 4.88 10.93 -15.54
C VAL A 74 5.29 11.06 -17.00
N LYS A 75 6.31 11.88 -17.27
CA LYS A 75 6.61 12.25 -18.65
C LYS A 75 7.13 11.06 -19.45
N GLU A 76 8.14 10.36 -18.94
CA GLU A 76 8.76 9.24 -19.64
C GLU A 76 8.26 7.90 -19.13
N CYS A 77 6.97 7.81 -18.77
CA CYS A 77 6.45 6.56 -18.22
C CYS A 77 6.26 5.52 -19.31
N TYR A 78 5.45 5.84 -20.33
CA TYR A 78 5.14 4.87 -21.37
C TYR A 78 6.34 4.53 -22.25
N SER A 79 7.34 5.41 -22.30
CA SER A 79 8.47 5.24 -23.21
C SER A 79 9.70 4.64 -22.54
N VAL A 80 10.11 5.17 -21.39
CA VAL A 80 11.38 4.81 -20.76
C VAL A 80 11.16 4.03 -19.46
N PHE A 81 10.46 4.62 -18.50
CA PHE A 81 10.30 4.05 -17.17
C PHE A 81 8.88 3.48 -17.06
N THR A 82 8.70 2.29 -17.64
CA THR A 82 7.39 1.66 -17.74
C THR A 82 7.15 0.58 -16.69
N ASN A 83 8.17 -0.22 -16.36
CA ASN A 83 7.99 -1.39 -15.52
C ASN A 83 8.77 -1.25 -14.22
N ARG A 84 8.34 -2.03 -13.23
CA ARG A 84 9.06 -2.15 -11.97
C ARG A 84 10.10 -3.25 -12.05
N ARG A 85 10.92 -3.36 -11.02
CA ARG A 85 12.01 -4.33 -11.02
C ARG A 85 11.47 -5.72 -10.78
N PRO A 86 11.85 -6.71 -11.59
CA PRO A 86 11.52 -8.10 -11.27
C PRO A 86 12.17 -8.50 -9.95
N PHE A 87 11.36 -9.10 -9.06
CA PHE A 87 11.80 -9.34 -7.69
C PHE A 87 11.80 -10.81 -7.28
N GLY A 88 11.30 -11.72 -8.11
CA GLY A 88 11.34 -13.13 -7.77
C GLY A 88 10.39 -13.97 -8.60
N PRO A 89 10.34 -15.26 -8.31
CA PRO A 89 9.47 -16.18 -9.07
C PRO A 89 8.00 -15.91 -8.74
N VAL A 90 7.24 -15.48 -9.73
CA VAL A 90 5.84 -15.12 -9.53
C VAL A 90 4.88 -16.10 -10.19
N GLY A 91 5.32 -16.91 -11.14
CA GLY A 91 4.42 -17.85 -11.78
C GLY A 91 3.36 -17.14 -12.60
N PHE A 92 2.10 -17.55 -12.44
CA PHE A 92 1.01 -16.91 -13.15
C PHE A 92 0.71 -15.51 -12.59
N MET A 93 1.14 -15.21 -11.37
CA MET A 93 0.99 -13.87 -10.82
C MET A 93 1.79 -12.82 -11.57
N LYS A 94 2.57 -13.21 -12.59
CA LYS A 94 3.15 -12.24 -13.50
C LYS A 94 2.08 -11.38 -14.17
N SER A 95 0.84 -11.85 -14.20
CA SER A 95 -0.26 -11.13 -14.83
C SER A 95 -0.92 -10.13 -13.88
N ALA A 96 -0.50 -10.07 -12.62
CA ALA A 96 -1.00 -9.04 -11.73
C ALA A 96 -0.57 -7.66 -12.23
N ILE A 97 -1.50 -6.70 -12.18
CA ILE A 97 -1.26 -5.39 -12.77
C ILE A 97 -0.05 -4.71 -12.12
N SER A 98 0.20 -4.99 -10.84
CA SER A 98 1.39 -4.42 -10.19
C SER A 98 2.66 -5.01 -10.78
N ILE A 99 2.63 -6.28 -11.14
CA ILE A 99 3.82 -6.96 -11.66
C ILE A 99 3.88 -6.96 -13.19
N ALA A 100 2.75 -6.71 -13.85
CA ALA A 100 2.71 -6.74 -15.31
C ALA A 100 3.63 -5.67 -15.90
N GLU A 101 3.95 -5.86 -17.19
CA GLU A 101 4.94 -5.01 -17.86
C GLU A 101 4.45 -4.61 -19.25
N ASP A 102 4.87 -3.43 -19.68
CA ASP A 102 4.81 -2.98 -21.08
C ASP A 102 3.35 -2.99 -21.55
N GLU A 103 3.09 -3.47 -22.76
CA GLU A 103 1.74 -3.42 -23.32
C GLU A 103 0.76 -4.27 -22.51
N GLU A 104 1.26 -5.29 -21.82
CA GLU A 104 0.39 -6.10 -20.97
C GLU A 104 -0.15 -5.28 -19.79
N TRP A 105 0.69 -4.46 -19.17
CA TRP A 105 0.21 -3.60 -18.09
C TRP A 105 -0.78 -2.57 -18.61
N LYS A 106 -0.48 -1.96 -19.76
CA LYS A 106 -1.35 -0.91 -20.29
C LYS A 106 -2.74 -1.44 -20.60
N ARG A 107 -2.83 -2.69 -21.07
CA ARG A 107 -4.13 -3.29 -21.33
C ARG A 107 -4.87 -3.56 -20.02
N LEU A 108 -4.17 -4.04 -19.01
CA LEU A 108 -4.80 -4.28 -17.71
C LEU A 108 -5.19 -2.97 -17.05
N ARG A 109 -4.34 -1.94 -17.14
CA ARG A 109 -4.67 -0.64 -16.57
C ARG A 109 -5.88 -0.04 -17.27
N SER A 110 -6.08 -0.34 -18.55
CA SER A 110 -7.26 0.14 -19.26
C SER A 110 -8.51 -0.60 -18.80
N LEU A 111 -8.40 -1.91 -18.61
CA LEU A 111 -9.56 -2.72 -18.23
C LEU A 111 -9.93 -2.55 -16.76
N LEU A 112 -8.96 -2.23 -15.90
CA LEU A 112 -9.19 -2.16 -14.47
C LEU A 112 -9.50 -0.76 -13.97
N SER A 113 -9.22 0.28 -14.76
CA SER A 113 -9.46 1.65 -14.30
C SER A 113 -10.95 1.96 -14.10
N PRO A 114 -11.87 1.47 -14.95
CA PRO A 114 -13.29 1.74 -14.67
C PRO A 114 -13.80 1.05 -13.40
N THR A 115 -13.09 0.04 -12.90
CA THR A 115 -13.48 -0.62 -11.67
C THR A 115 -13.28 0.27 -10.45
N PHE A 116 -12.38 1.25 -10.54
CA PHE A 116 -12.02 2.08 -9.39
C PHE A 116 -12.51 3.52 -9.54
N THR A 117 -13.55 3.75 -10.32
CA THR A 117 -14.11 5.09 -10.40
C THR A 117 -14.86 5.43 -9.12
N SER A 118 -14.98 6.73 -8.85
CA SER A 118 -15.66 7.17 -7.64
C SER A 118 -17.13 6.76 -7.63
N GLY A 119 -17.72 6.56 -8.81
CA GLY A 119 -19.09 6.09 -8.86
C GLY A 119 -19.23 4.64 -8.42
N LYS A 120 -18.27 3.79 -8.82
CA LYS A 120 -18.30 2.40 -8.37
C LYS A 120 -17.95 2.29 -6.88
N LEU A 121 -17.09 3.17 -6.39
CA LEU A 121 -16.76 3.15 -4.97
C LEU A 121 -17.97 3.53 -4.11
N LYS A 122 -18.77 4.50 -4.57
CA LYS A 122 -19.93 4.92 -3.80
C LYS A 122 -20.93 3.77 -3.62
N GLU A 123 -21.05 2.92 -4.63
CA GLU A 123 -21.90 1.73 -4.50
C GLU A 123 -21.29 0.70 -3.57
N MET A 124 -19.98 0.78 -3.31
CA MET A 124 -19.32 -0.09 -2.35
C MET A 124 -19.32 0.47 -0.93
N VAL A 125 -19.64 1.75 -0.77
CA VAL A 125 -19.60 2.37 0.56
C VAL A 125 -20.54 1.68 1.55
N PRO A 126 -21.80 1.37 1.22
CA PRO A 126 -22.65 0.67 2.20
C PRO A 126 -22.07 -0.66 2.65
N ILE A 127 -21.34 -1.36 1.79
CA ILE A 127 -20.74 -2.63 2.19
C ILE A 127 -19.62 -2.39 3.20
N ILE A 128 -18.78 -1.39 2.94
CA ILE A 128 -17.66 -1.10 3.84
C ILE A 128 -18.17 -0.60 5.19
N ALA A 129 -19.23 0.22 5.17
CA ALA A 129 -19.76 0.78 6.40
C ALA A 129 -20.39 -0.30 7.28
N GLN A 130 -20.86 -1.38 6.67
CA GLN A 130 -21.45 -2.47 7.46
C GLN A 130 -20.44 -3.05 8.44
N TYR A 131 -19.21 -3.28 7.98
CA TYR A 131 -18.18 -3.84 8.85
C TYR A 131 -17.48 -2.78 9.69
N GLY A 132 -17.71 -1.50 9.42
CA GLY A 132 -17.37 -0.48 10.40
C GLY A 132 -18.21 -0.61 11.65
N ASP A 133 -19.49 -0.96 11.49
CA ASP A 133 -20.33 -1.27 12.65
C ASP A 133 -19.92 -2.59 13.29
N VAL A 134 -19.49 -3.56 12.49
CA VAL A 134 -19.00 -4.82 13.04
C VAL A 134 -17.73 -4.58 13.84
N LEU A 135 -16.84 -3.72 13.34
CA LEU A 135 -15.62 -3.39 14.07
C LEU A 135 -15.93 -2.72 15.40
N VAL A 136 -16.95 -1.86 15.43
CA VAL A 136 -17.34 -1.19 16.67
C VAL A 136 -17.81 -2.21 17.70
N ARG A 137 -18.70 -3.12 17.29
CA ARG A 137 -19.22 -4.12 18.21
C ARG A 137 -18.09 -4.97 18.79
N ASN A 138 -17.17 -5.42 17.93
CA ASN A 138 -16.03 -6.19 18.42
C ASN A 138 -15.13 -5.35 19.32
N LEU A 139 -15.08 -4.04 19.09
CA LEU A 139 -14.33 -3.16 19.99
C LEU A 139 -15.07 -2.87 21.29
N ARG A 140 -16.40 -2.84 21.25
CA ARG A 140 -17.17 -2.66 22.48
C ARG A 140 -16.95 -3.83 23.42
N ARG A 141 -16.93 -5.06 22.88
CA ARG A 141 -16.69 -6.22 23.71
C ARG A 141 -15.31 -6.19 24.34
N GLU A 142 -14.30 -5.75 23.58
CA GLU A 142 -12.95 -5.69 24.11
C GLU A 142 -12.75 -4.50 25.04
N ALA A 143 -13.42 -3.38 24.78
CA ALA A 143 -13.29 -2.23 25.66
C ALA A 143 -13.94 -2.47 27.02
N GLU A 144 -15.00 -3.28 27.05
CA GLU A 144 -15.67 -3.59 28.32
C GLU A 144 -14.84 -4.53 29.19
N THR A 145 -13.95 -5.33 28.60
CA THR A 145 -13.06 -6.16 29.39
C THR A 145 -12.00 -5.33 30.11
N GLY A 146 -11.80 -4.08 29.71
CA GLY A 146 -10.76 -3.25 30.28
C GLY A 146 -9.35 -3.62 29.87
N LYS A 147 -9.17 -4.71 29.12
CA LYS A 147 -7.84 -5.13 28.71
C LYS A 147 -7.38 -4.34 27.49
N PRO A 148 -6.10 -4.00 27.41
CA PRO A 148 -5.61 -3.26 26.24
C PRO A 148 -5.78 -4.08 24.96
N VAL A 149 -5.92 -3.36 23.85
CA VAL A 149 -6.27 -3.95 22.55
C VAL A 149 -5.03 -3.88 21.64
N THR A 150 -4.72 -4.99 20.98
CA THR A 150 -3.70 -5.00 19.94
C THR A 150 -4.27 -4.41 18.65
N LEU A 151 -3.59 -3.40 18.12
CA LEU A 151 -4.13 -2.67 16.99
C LEU A 151 -4.14 -3.50 15.71
N LYS A 152 -3.10 -4.29 15.48
CA LYS A 152 -3.01 -5.08 14.26
C LYS A 152 -4.08 -6.15 14.19
N ASP A 153 -4.57 -6.63 15.33
CA ASP A 153 -5.56 -7.69 15.33
C ASP A 153 -6.95 -7.16 14.98
N VAL A 154 -7.36 -6.06 15.61
CA VAL A 154 -8.71 -5.54 15.38
C VAL A 154 -8.81 -4.89 14.00
N PHE A 155 -7.74 -4.27 13.52
CA PHE A 155 -7.77 -3.62 12.22
C PHE A 155 -7.50 -4.62 11.09
N GLY A 156 -6.67 -5.62 11.33
CA GLY A 156 -6.53 -6.70 10.35
C GLY A 156 -7.83 -7.45 10.16
N ALA A 157 -8.61 -7.60 11.24
CA ALA A 157 -9.91 -8.25 11.12
C ALA A 157 -10.89 -7.38 10.36
N TYR A 158 -10.91 -6.06 10.65
CA TYR A 158 -11.76 -5.16 9.88
C TYR A 158 -11.33 -5.12 8.42
N SER A 159 -10.02 -5.00 8.17
CA SER A 159 -9.53 -4.98 6.80
C SER A 159 -9.92 -6.25 6.06
N MET A 160 -9.81 -7.40 6.74
CA MET A 160 -10.20 -8.66 6.11
C MET A 160 -11.69 -8.71 5.84
N ASP A 161 -12.49 -8.17 6.75
CA ASP A 161 -13.94 -8.16 6.55
C ASP A 161 -14.33 -7.34 5.33
N VAL A 162 -13.67 -6.21 5.13
CA VAL A 162 -13.99 -5.35 3.99
C VAL A 162 -13.56 -6.01 2.68
N ILE A 163 -12.42 -6.69 2.69
CA ILE A 163 -11.89 -7.28 1.46
C ILE A 163 -12.79 -8.43 1.00
N THR A 164 -13.09 -9.37 1.91
CA THR A 164 -13.91 -10.52 1.54
C THR A 164 -15.27 -10.10 1.02
N SER A 165 -15.80 -8.97 1.49
CA SER A 165 -17.11 -8.50 1.06
C SER A 165 -17.04 -7.62 -0.18
N THR A 166 -16.03 -6.76 -0.28
CA THR A 166 -15.92 -5.89 -1.45
C THR A 166 -15.30 -6.58 -2.65
N SER A 167 -14.59 -7.69 -2.45
CA SER A 167 -13.99 -8.40 -3.57
C SER A 167 -14.90 -9.50 -4.11
N PHE A 168 -15.54 -10.28 -3.24
CA PHE A 168 -16.33 -11.42 -3.68
C PHE A 168 -17.70 -11.50 -3.02
N GLY A 169 -18.11 -10.48 -2.27
CA GLY A 169 -19.41 -10.50 -1.64
C GLY A 169 -19.60 -11.61 -0.63
N VAL A 170 -18.54 -11.95 0.09
CA VAL A 170 -18.58 -13.01 1.11
C VAL A 170 -18.50 -12.35 2.47
N ASN A 171 -19.54 -12.53 3.28
CA ASN A 171 -19.70 -11.80 4.54
C ASN A 171 -19.26 -12.68 5.70
N ILE A 172 -18.11 -12.37 6.28
CA ILE A 172 -17.58 -13.08 7.44
C ILE A 172 -17.17 -12.06 8.49
N ASP A 173 -17.33 -12.44 9.76
CA ASP A 173 -16.75 -11.69 10.87
C ASP A 173 -15.42 -12.36 11.18
N SER A 174 -14.34 -11.81 10.62
CA SER A 174 -13.04 -12.50 10.66
C SER A 174 -12.52 -12.64 12.08
N LEU A 175 -12.76 -11.65 12.94
CA LEU A 175 -12.25 -11.71 14.30
C LEU A 175 -12.90 -12.84 15.08
N ASN A 176 -14.17 -13.11 14.83
CA ASN A 176 -14.91 -14.14 15.56
C ASN A 176 -15.04 -15.45 14.80
N ASN A 177 -14.80 -15.45 13.48
CA ASN A 177 -14.77 -16.66 12.67
C ASN A 177 -13.37 -16.81 12.09
N PRO A 178 -12.37 -17.08 12.93
CA PRO A 178 -10.98 -17.06 12.46
C PRO A 178 -10.58 -18.26 11.63
N GLN A 179 -11.35 -19.34 11.64
CA GLN A 179 -10.99 -20.57 10.96
C GLN A 179 -11.90 -20.86 9.77
N ASP A 180 -12.62 -19.86 9.27
CA ASP A 180 -13.31 -20.01 8.01
C ASP A 180 -12.30 -20.29 6.91
N PRO A 181 -12.51 -21.31 6.07
CA PRO A 181 -11.51 -21.62 5.04
C PRO A 181 -11.18 -20.46 4.13
N PHE A 182 -12.13 -19.54 3.92
CA PHE A 182 -11.84 -18.35 3.12
C PHE A 182 -10.96 -17.37 3.90
N VAL A 183 -11.17 -17.28 5.21
CA VAL A 183 -10.36 -16.38 6.04
C VAL A 183 -8.97 -16.96 6.26
N GLU A 184 -8.89 -18.25 6.57
CA GLU A 184 -7.61 -18.85 6.93
C GLU A 184 -6.58 -18.75 5.81
N ASN A 185 -7.03 -18.74 4.56
CA ASN A 185 -6.11 -18.63 3.43
C ASN A 185 -5.81 -17.19 3.06
N THR A 186 -6.82 -16.31 3.08
CA THR A 186 -6.57 -14.90 2.74
C THR A 186 -5.70 -14.21 3.77
N LYS A 187 -5.74 -14.66 5.03
CA LYS A 187 -4.87 -14.11 6.06
C LYS A 187 -3.42 -14.49 5.87
N LYS A 188 -3.13 -15.43 4.97
CA LYS A 188 -1.75 -15.80 4.64
C LYS A 188 -1.14 -14.89 3.59
N LEU A 189 -1.92 -14.03 2.95
CA LEU A 189 -1.41 -13.10 1.95
C LEU A 189 -0.79 -11.89 2.66
N LEU A 190 0.39 -12.12 3.21
CA LEU A 190 1.12 -11.11 3.96
C LEU A 190 2.16 -10.42 3.09
N ARG A 191 2.59 -9.25 3.55
CA ARG A 191 3.53 -8.44 2.79
C ARG A 191 4.87 -9.17 2.63
N PHE A 192 5.60 -8.77 1.60
CA PHE A 192 6.89 -9.38 1.28
C PHE A 192 8.00 -8.65 2.01
N ASP A 193 8.71 -9.37 2.88
CA ASP A 193 9.91 -8.84 3.52
C ASP A 193 11.09 -9.06 2.57
N PHE A 194 11.37 -8.07 1.73
CA PHE A 194 12.48 -8.19 0.80
C PHE A 194 13.85 -8.26 1.48
N LEU A 195 13.91 -8.17 2.82
CA LEU A 195 15.17 -8.31 3.55
C LEU A 195 15.28 -9.62 4.30
N ASP A 196 14.33 -10.55 4.11
CA ASP A 196 14.40 -11.84 4.76
C ASP A 196 15.49 -12.68 4.08
N PRO A 197 15.88 -13.80 4.68
CA PRO A 197 16.95 -14.61 4.07
C PRO A 197 16.68 -15.02 2.62
N PHE A 198 15.43 -15.30 2.26
CA PHE A 198 15.16 -15.78 0.90
C PHE A 198 15.36 -14.67 -0.13
N PHE A 199 14.71 -13.51 0.07
CA PHE A 199 14.81 -12.44 -0.91
C PHE A 199 16.23 -11.88 -0.99
N LEU A 200 16.98 -11.90 0.12
CA LEU A 200 18.38 -11.51 0.06
C LEU A 200 19.18 -12.49 -0.79
N SER A 201 18.90 -13.78 -0.65
CA SER A 201 19.58 -14.77 -1.47
C SER A 201 19.21 -14.64 -2.94
N ILE A 202 17.95 -14.29 -3.22
CA ILE A 202 17.54 -14.03 -4.60
C ILE A 202 18.27 -12.81 -5.14
N THR A 203 18.51 -11.81 -4.29
CA THR A 203 19.26 -10.64 -4.71
C THR A 203 20.70 -10.98 -5.05
N VAL A 204 21.34 -11.78 -4.21
CA VAL A 204 22.74 -12.16 -4.46
C VAL A 204 22.83 -13.15 -5.61
N PHE A 205 21.84 -14.03 -5.76
CA PHE A 205 21.78 -15.00 -6.86
C PHE A 205 20.54 -14.73 -7.70
N PRO A 206 20.53 -13.65 -8.49
CA PRO A 206 19.38 -13.42 -9.38
C PRO A 206 19.30 -14.43 -10.51
N PHE A 207 20.40 -15.13 -10.81
CA PHE A 207 20.40 -16.14 -11.86
C PHE A 207 19.63 -17.39 -11.48
N LEU A 208 19.22 -17.52 -10.22
CA LEU A 208 18.46 -18.69 -9.77
C LEU A 208 16.95 -18.52 -9.97
N ILE A 209 16.48 -17.33 -10.31
CA ILE A 209 15.04 -17.11 -10.49
C ILE A 209 14.46 -17.98 -11.59
N PRO A 210 15.07 -18.09 -12.78
CA PRO A 210 14.49 -19.01 -13.79
C PRO A 210 14.46 -20.46 -13.34
N ILE A 211 15.34 -20.85 -12.41
CA ILE A 211 15.32 -22.22 -11.92
C ILE A 211 14.11 -22.45 -11.02
N LEU A 212 13.74 -21.45 -10.23
CA LEU A 212 12.58 -21.57 -9.36
C LEU A 212 11.26 -21.46 -10.12
N GLU A 213 11.26 -20.82 -11.29
CA GLU A 213 10.04 -20.69 -12.06
C GLU A 213 9.67 -22.00 -12.76
N VAL A 214 10.66 -22.71 -13.31
CA VAL A 214 10.36 -23.96 -14.00
C VAL A 214 9.95 -25.04 -13.01
N LEU A 215 10.41 -24.95 -11.75
CA LEU A 215 9.99 -25.87 -10.71
C LEU A 215 8.64 -25.50 -10.10
N ASN A 216 7.96 -24.50 -10.65
CA ASN A 216 6.66 -24.03 -10.15
C ASN A 216 6.74 -23.65 -8.68
N ILE A 217 7.82 -22.95 -8.31
CA ILE A 217 7.99 -22.41 -6.96
C ILE A 217 7.67 -20.93 -7.03
N CYS A 218 6.67 -20.50 -6.26
CA CYS A 218 6.17 -19.12 -6.30
C CYS A 218 6.31 -18.49 -4.92
N VAL A 219 6.62 -17.19 -4.91
CA VAL A 219 6.70 -16.46 -3.64
C VAL A 219 5.33 -16.39 -2.99
N PHE A 220 4.26 -16.35 -3.78
CA PHE A 220 2.93 -16.47 -3.22
C PHE A 220 2.65 -17.92 -2.87
N PRO A 221 2.00 -18.18 -1.73
CA PRO A 221 1.71 -19.58 -1.34
C PRO A 221 0.83 -20.26 -2.37
N ARG A 222 1.36 -21.36 -2.93
CA ARG A 222 0.63 -22.08 -3.96
C ARG A 222 -0.66 -22.69 -3.43
N GLU A 223 -0.68 -23.06 -2.14
CA GLU A 223 -1.90 -23.60 -1.56
C GLU A 223 -2.98 -22.51 -1.43
N VAL A 224 -2.57 -21.25 -1.26
CA VAL A 224 -3.54 -20.17 -1.13
C VAL A 224 -4.04 -19.74 -2.50
N THR A 225 -3.15 -19.69 -3.50
CA THR A 225 -3.58 -19.28 -4.84
C THR A 225 -4.51 -20.32 -5.45
N ASN A 226 -4.24 -21.61 -5.24
CA ASN A 226 -5.12 -22.65 -5.78
C ASN A 226 -6.50 -22.57 -5.15
N PHE A 227 -6.58 -22.28 -3.85
CA PHE A 227 -7.86 -22.16 -3.19
C PHE A 227 -8.69 -21.02 -3.78
N LEU A 228 -8.05 -19.90 -4.11
CA LEU A 228 -8.79 -18.78 -4.69
C LEU A 228 -9.15 -19.03 -6.15
N ARG A 229 -8.25 -19.68 -6.91
CA ARG A 229 -8.56 -19.97 -8.30
C ARG A 229 -9.77 -20.90 -8.41
N LYS A 230 -9.90 -21.85 -7.47
CA LYS A 230 -11.08 -22.71 -7.47
C LYS A 230 -12.29 -21.96 -6.93
N SER A 231 -12.08 -21.07 -5.96
CA SER A 231 -13.19 -20.31 -5.40
C SER A 231 -13.79 -19.35 -6.43
N VAL A 232 -12.92 -18.63 -7.15
CA VAL A 232 -13.41 -17.71 -8.19
C VAL A 232 -14.12 -18.48 -9.28
N LYS A 233 -13.61 -19.67 -9.63
CA LYS A 233 -14.23 -20.47 -10.67
C LYS A 233 -15.66 -20.87 -10.26
N ARG A 234 -15.84 -21.33 -9.02
CA ARG A 234 -17.16 -21.71 -8.55
C ARG A 234 -18.10 -20.50 -8.50
N MET A 235 -17.57 -19.33 -8.14
CA MET A 235 -18.40 -18.13 -8.07
C MET A 235 -18.87 -17.72 -9.46
N LYS A 236 -17.95 -17.68 -10.43
CA LYS A 236 -18.32 -17.28 -11.79
C LYS A 236 -19.36 -18.22 -12.37
N GLU A 237 -19.27 -19.51 -12.05
CA GLU A 237 -20.31 -20.45 -12.47
C GLU A 237 -21.60 -20.22 -11.69
N SER A 238 -21.50 -20.00 -10.39
CA SER A 238 -22.69 -19.82 -9.56
C SER A 238 -23.38 -18.50 -9.87
N ARG A 239 -22.61 -17.44 -10.09
CA ARG A 239 -23.19 -16.14 -10.42
C ARG A 239 -23.80 -16.11 -11.82
N LEU A 240 -23.57 -17.14 -12.64
CA LEU A 240 -24.25 -17.24 -13.92
C LEU A 240 -25.70 -17.70 -13.74
N GLU A 241 -25.99 -18.41 -12.65
CA GLU A 241 -27.36 -18.80 -12.36
C GLU A 241 -28.14 -17.65 -11.73
N ASP A 242 -27.70 -17.20 -10.55
CA ASP A 242 -28.31 -16.06 -9.87
C ASP A 242 -27.79 -14.76 -10.50
N THR A 243 -28.20 -14.55 -11.75
CA THR A 243 -27.78 -13.37 -12.49
C THR A 243 -28.60 -12.13 -12.11
N GLN A 244 -29.86 -12.32 -11.73
CA GLN A 244 -30.76 -11.21 -11.47
C GLN A 244 -30.40 -10.42 -10.22
N LYS A 245 -29.48 -10.91 -9.40
CA LYS A 245 -29.02 -10.17 -8.22
C LYS A 245 -27.93 -9.19 -8.66
N HIS A 246 -28.24 -7.90 -8.62
CA HIS A 246 -27.26 -6.88 -8.97
C HIS A 246 -26.15 -6.85 -7.92
N ARG A 247 -24.93 -7.15 -8.34
CA ARG A 247 -23.78 -7.16 -7.45
C ARG A 247 -22.95 -5.89 -7.65
N VAL A 248 -22.05 -5.65 -6.71
CA VAL A 248 -21.27 -4.41 -6.71
C VAL A 248 -19.81 -4.69 -6.34
N ASP A 249 -19.50 -5.94 -5.99
CA ASP A 249 -18.16 -6.27 -5.54
C ASP A 249 -17.17 -6.23 -6.72
N PHE A 250 -15.88 -6.28 -6.38
CA PHE A 250 -14.84 -6.17 -7.40
C PHE A 250 -14.90 -7.31 -8.40
N LEU A 251 -15.36 -8.50 -7.97
CA LEU A 251 -15.37 -9.65 -8.86
C LEU A 251 -16.32 -9.44 -10.04
N GLN A 252 -17.50 -8.86 -9.77
CA GLN A 252 -18.50 -8.72 -10.83
C GLN A 252 -18.12 -7.64 -11.82
N LEU A 253 -17.50 -6.55 -11.35
CA LEU A 253 -17.01 -5.53 -12.27
C LEU A 253 -16.01 -6.11 -13.25
N MET A 254 -15.22 -7.09 -12.81
CA MET A 254 -14.27 -7.75 -13.70
C MET A 254 -14.93 -8.83 -14.54
N ILE A 255 -15.97 -9.47 -14.01
CA ILE A 255 -16.73 -10.44 -14.81
C ILE A 255 -17.47 -9.72 -15.94
N ASP A 256 -18.11 -8.59 -15.63
CA ASP A 256 -18.78 -7.81 -16.66
C ASP A 256 -17.79 -7.25 -17.68
N SER A 257 -16.59 -6.91 -17.24
CA SER A 257 -15.56 -6.40 -18.15
C SER A 257 -14.91 -7.48 -18.98
N GLN A 258 -15.29 -8.75 -18.79
CA GLN A 258 -14.82 -9.82 -19.65
C GLN A 258 -15.59 -9.91 -20.97
N ASN A 259 -16.61 -9.08 -21.15
CA ASN A 259 -17.37 -9.01 -22.39
C ASN A 259 -16.87 -7.78 -23.17
N SER A 260 -16.04 -8.02 -24.18
CA SER A 260 -15.41 -6.91 -24.90
C SER A 260 -16.44 -6.03 -25.61
N LYS A 261 -17.59 -6.59 -25.95
CA LYS A 261 -18.64 -5.80 -26.59
C LYS A 261 -19.23 -4.73 -25.68
N GLU A 262 -18.95 -4.79 -24.37
CA GLU A 262 -19.44 -3.81 -23.41
C GLU A 262 -18.32 -3.10 -22.68
N THR A 263 -17.08 -3.21 -23.14
CA THR A 263 -15.95 -2.55 -22.51
C THR A 263 -15.57 -1.30 -23.31
N GLU A 264 -15.32 -0.21 -22.59
CA GLU A 264 -14.90 1.04 -23.21
C GLU A 264 -13.54 0.91 -23.91
N SER A 265 -12.69 -0.02 -23.47
CA SER A 265 -11.41 -0.27 -24.12
C SER A 265 -11.53 -1.24 -25.29
N HIS A 266 -12.72 -1.78 -25.54
CA HIS A 266 -13.00 -2.74 -26.61
C HIS A 266 -12.19 -4.03 -26.46
N LYS A 267 -11.55 -4.23 -25.31
CA LYS A 267 -10.80 -5.45 -25.02
C LYS A 267 -11.52 -6.25 -23.94
N ALA A 268 -11.00 -7.45 -23.69
CA ALA A 268 -11.61 -8.36 -22.72
C ALA A 268 -10.54 -8.88 -21.76
N LEU A 269 -10.99 -9.22 -20.55
CA LEU A 269 -10.11 -9.78 -19.54
C LEU A 269 -10.06 -11.29 -19.68
N SER A 270 -8.88 -11.86 -19.41
CA SER A 270 -8.71 -13.30 -19.41
C SER A 270 -9.18 -13.88 -18.08
N ASP A 271 -9.65 -15.14 -18.14
CA ASP A 271 -9.99 -15.84 -16.90
C ASP A 271 -8.77 -16.01 -16.01
N LEU A 272 -7.58 -16.12 -16.60
CA LEU A 272 -6.36 -16.18 -15.81
C LEU A 272 -6.02 -14.82 -15.23
N GLU A 273 -6.16 -13.76 -16.03
CA GLU A 273 -5.83 -12.43 -15.54
C GLU A 273 -6.78 -11.98 -14.45
N LEU A 274 -8.08 -12.28 -14.61
CA LEU A 274 -9.07 -11.84 -13.62
C LEU A 274 -8.75 -12.38 -12.23
N VAL A 275 -8.37 -13.66 -12.14
CA VAL A 275 -8.02 -14.22 -10.84
C VAL A 275 -6.74 -13.58 -10.32
N ALA A 276 -5.81 -13.24 -11.22
CA ALA A 276 -4.56 -12.63 -10.79
C ALA A 276 -4.79 -11.28 -10.14
N GLN A 277 -5.67 -10.47 -10.71
CA GLN A 277 -5.97 -9.16 -10.11
C GLN A 277 -6.74 -9.32 -8.80
N SER A 278 -7.63 -10.30 -8.72
CA SER A 278 -8.38 -10.53 -7.50
C SER A 278 -7.46 -10.91 -6.35
N ILE A 279 -6.39 -11.65 -6.64
CA ILE A 279 -5.43 -12.01 -5.61
C ILE A 279 -4.59 -10.80 -5.21
N ILE A 280 -4.12 -10.02 -6.19
CA ILE A 280 -3.28 -8.88 -5.88
C ILE A 280 -4.08 -7.75 -5.23
N PHE A 281 -5.40 -7.70 -5.45
CA PHE A 281 -6.23 -6.74 -4.74
C PHE A 281 -6.29 -7.05 -3.25
N ILE A 282 -6.42 -8.34 -2.91
CA ILE A 282 -6.39 -8.75 -1.51
C ILE A 282 -5.01 -8.47 -0.91
N PHE A 283 -3.96 -8.81 -1.65
CA PHE A 283 -2.60 -8.61 -1.16
C PHE A 283 -2.32 -7.13 -0.92
N ALA A 284 -2.77 -6.26 -1.83
CA ALA A 284 -2.47 -4.84 -1.71
C ALA A 284 -3.29 -4.16 -0.63
N GLY A 285 -4.43 -4.73 -0.23
CA GLY A 285 -5.31 -4.06 0.70
C GLY A 285 -5.32 -4.61 2.11
N TYR A 286 -4.90 -5.87 2.28
CA TYR A 286 -5.03 -6.53 3.57
C TYR A 286 -4.11 -5.92 4.62
N GLU A 287 -2.81 -6.22 4.52
CA GLU A 287 -1.86 -5.77 5.54
C GLU A 287 -1.52 -4.29 5.43
N THR A 288 -1.86 -3.65 4.31
CA THR A 288 -1.58 -2.22 4.15
C THR A 288 -2.60 -1.37 4.90
N THR A 289 -3.89 -1.69 4.75
CA THR A 289 -4.92 -0.90 5.40
C THR A 289 -4.82 -1.00 6.92
N SER A 290 -4.52 -2.19 7.44
CA SER A 290 -4.39 -2.34 8.89
C SER A 290 -3.14 -1.63 9.42
N SER A 291 -2.07 -1.59 8.62
CA SER A 291 -0.85 -0.93 9.07
C SER A 291 -1.04 0.58 9.17
N VAL A 292 -1.68 1.19 8.19
CA VAL A 292 -1.90 2.63 8.23
C VAL A 292 -2.89 2.99 9.34
N LEU A 293 -3.98 2.22 9.45
CA LEU A 293 -4.94 2.47 10.52
C LEU A 293 -4.30 2.33 11.89
N SER A 294 -3.35 1.42 12.05
CA SER A 294 -2.66 1.28 13.32
C SER A 294 -1.73 2.45 13.57
N PHE A 295 -1.02 2.91 12.53
CA PHE A 295 -0.17 4.08 12.68
C PHE A 295 -1.00 5.33 13.00
N ILE A 296 -2.18 5.45 12.39
CA ILE A 296 -3.03 6.61 12.64
C ILE A 296 -3.49 6.62 14.09
N MET A 297 -3.96 5.46 14.58
CA MET A 297 -4.48 5.42 15.96
C MET A 297 -3.37 5.60 16.98
N TYR A 298 -2.13 5.23 16.63
CA TYR A 298 -1.02 5.54 17.53
C TYR A 298 -0.82 7.04 17.66
N GLU A 299 -0.91 7.76 16.55
CA GLU A 299 -0.72 9.21 16.59
C GLU A 299 -1.88 9.90 17.30
N LEU A 300 -3.10 9.44 17.07
CA LEU A 300 -4.25 10.04 17.73
C LEU A 300 -4.21 9.81 19.24
N ALA A 301 -3.75 8.64 19.67
CA ALA A 301 -3.67 8.34 21.10
C ALA A 301 -2.52 9.09 21.77
N THR A 302 -1.39 9.23 21.08
CA THR A 302 -0.25 9.97 21.59
C THR A 302 -0.40 11.47 21.39
N HIS A 303 -1.44 11.92 20.70
CA HIS A 303 -1.76 13.33 20.54
C HIS A 303 -3.25 13.49 20.81
N PRO A 304 -3.66 13.55 22.08
CA PRO A 304 -5.09 13.64 22.39
C PRO A 304 -5.76 14.88 21.84
N ASP A 305 -5.02 15.97 21.67
CA ASP A 305 -5.59 17.18 21.10
C ASP A 305 -6.05 16.95 19.66
N VAL A 306 -5.29 16.16 18.90
CA VAL A 306 -5.68 15.86 17.53
C VAL A 306 -6.86 14.90 17.51
N GLN A 307 -6.88 13.93 18.42
CA GLN A 307 -7.98 12.96 18.47
C GLN A 307 -9.28 13.64 18.88
N GLN A 308 -9.22 14.58 19.83
CA GLN A 308 -10.41 15.28 20.27
C GLN A 308 -10.97 16.17 19.16
N LYS A 309 -10.09 16.94 18.51
CA LYS A 309 -10.53 17.81 17.42
C LYS A 309 -11.11 17.01 16.27
N LEU A 310 -10.60 15.80 16.04
CA LEU A 310 -11.17 14.94 15.01
C LEU A 310 -12.55 14.44 15.41
N GLN A 311 -12.72 14.08 16.70
CA GLN A 311 -14.03 13.68 17.19
C GLN A 311 -15.02 14.84 17.14
N GLU A 312 -14.54 16.07 17.39
CA GLU A 312 -15.41 17.23 17.34
C GLU A 312 -15.88 17.49 15.91
N GLU A 313 -15.00 17.30 14.93
CA GLU A 313 -15.40 17.44 13.53
C GLU A 313 -16.38 16.34 13.13
N ILE A 314 -16.15 15.12 13.60
CA ILE A 314 -17.03 14.01 13.23
C ILE A 314 -18.42 14.23 13.79
N ASP A 315 -18.52 14.63 15.07
CA ASP A 315 -19.82 14.90 15.65
C ASP A 315 -20.50 16.09 14.99
N ALA A 316 -19.73 17.04 14.47
CA ALA A 316 -20.32 18.18 13.77
C ALA A 316 -20.89 17.76 12.43
N VAL A 317 -20.15 16.94 11.67
CA VAL A 317 -20.63 16.48 10.37
C VAL A 317 -21.69 15.40 10.54
N LEU A 318 -21.48 14.48 11.49
CA LEU A 318 -22.37 13.34 11.73
C LEU A 318 -22.91 13.43 13.15
N PRO A 319 -23.94 14.24 13.39
CA PRO A 319 -24.48 14.37 14.74
C PRO A 319 -25.29 13.15 15.14
N ASN A 320 -25.38 12.94 16.45
CA ASN A 320 -26.17 11.84 17.04
C ASN A 320 -25.70 10.48 16.54
N LYS A 321 -24.38 10.34 16.37
CA LYS A 321 -23.77 9.09 15.91
C LYS A 321 -24.35 8.67 14.55
N ALA A 322 -24.56 9.64 13.67
CA ALA A 322 -25.12 9.34 12.36
C ALA A 322 -24.15 8.45 11.58
N PRO A 323 -24.67 7.47 10.83
CA PRO A 323 -23.78 6.58 10.10
C PRO A 323 -23.04 7.32 9.00
N PRO A 324 -21.79 6.95 8.72
CA PRO A 324 -21.04 7.65 7.67
C PRO A 324 -21.52 7.26 6.28
N THR A 325 -21.55 8.24 5.39
CA THR A 325 -21.89 8.03 3.99
C THR A 325 -20.74 8.55 3.11
N TYR A 326 -20.86 8.29 1.81
CA TYR A 326 -19.80 8.70 0.88
C TYR A 326 -19.62 10.22 0.88
N ASP A 327 -20.72 10.96 0.77
CA ASP A 327 -20.62 12.40 0.60
C ASP A 327 -20.15 13.10 1.87
N THR A 328 -20.50 12.56 3.05
CA THR A 328 -20.11 13.21 4.30
C THR A 328 -18.64 13.00 4.63
N VAL A 329 -18.06 11.86 4.22
CA VAL A 329 -16.64 11.61 4.47
C VAL A 329 -15.78 12.61 3.72
N LEU A 330 -16.19 12.95 2.49
CA LEU A 330 -15.44 13.94 1.71
C LEU A 330 -15.48 15.32 2.36
N GLN A 331 -16.54 15.63 3.11
CA GLN A 331 -16.68 16.94 3.74
C GLN A 331 -15.84 17.07 5.00
N MET A 332 -15.19 16.01 5.47
CA MET A 332 -14.36 16.06 6.67
C MET A 332 -12.93 16.35 6.24
N GLU A 333 -12.46 17.57 6.53
CA GLU A 333 -11.13 18.00 6.09
C GLU A 333 -10.04 17.67 7.10
N TYR A 334 -10.32 17.82 8.40
CA TYR A 334 -9.32 17.45 9.40
C TYR A 334 -9.05 15.96 9.40
N LEU A 335 -10.07 15.14 9.07
CA LEU A 335 -9.83 13.72 8.89
C LEU A 335 -8.91 13.47 7.71
N ASP A 336 -9.08 14.22 6.62
CA ASP A 336 -8.19 14.10 5.48
C ASP A 336 -6.78 14.56 5.84
N MET A 337 -6.65 15.53 6.74
CA MET A 337 -5.35 16.01 7.17
C MET A 337 -4.66 15.02 8.11
N VAL A 338 -5.43 14.31 8.94
CA VAL A 338 -4.85 13.30 9.82
C VAL A 338 -4.30 12.13 9.01
N VAL A 339 -5.06 11.69 8.00
CA VAL A 339 -4.60 10.59 7.15
C VAL A 339 -3.36 10.98 6.36
N ASN A 340 -3.38 12.17 5.77
CA ASN A 340 -2.27 12.59 4.92
C ASN A 340 -0.98 12.75 5.73
N GLU A 341 -1.08 13.38 6.91
CA GLU A 341 0.13 13.57 7.73
C GLU A 341 0.68 12.24 8.23
N THR A 342 -0.18 11.28 8.54
CA THR A 342 0.31 9.96 8.95
C THR A 342 1.01 9.27 7.79
N LEU A 343 0.41 9.32 6.59
CA LEU A 343 1.05 8.72 5.42
C LEU A 343 2.36 9.40 5.07
N ARG A 344 2.55 10.66 5.47
CA ARG A 344 3.85 11.30 5.31
C ARG A 344 4.89 10.64 6.21
N LEU A 345 4.58 10.53 7.51
CA LEU A 345 5.51 9.89 8.43
C LEU A 345 5.73 8.42 8.11
N PHE A 346 4.70 7.73 7.63
CA PHE A 346 4.77 6.28 7.36
C PHE A 346 4.24 5.98 5.97
N PRO A 347 5.03 6.24 4.92
CA PRO A 347 4.67 5.74 3.59
C PRO A 347 5.10 4.29 3.43
N ILE A 348 4.16 3.36 3.62
CA ILE A 348 4.48 1.94 3.73
C ILE A 348 5.16 1.40 2.48
N ALA A 349 5.05 2.10 1.35
CA ALA A 349 5.79 1.69 0.15
C ALA A 349 7.27 2.00 0.26
N MET A 350 7.64 2.98 1.09
CA MET A 350 9.03 3.34 1.36
C MET A 350 9.74 3.89 0.14
N ARG A 351 9.70 3.15 -0.97
CA ARG A 351 10.41 3.54 -2.19
C ARG A 351 9.51 3.32 -3.39
N LEU A 352 9.79 4.07 -4.46
CA LEU A 352 9.15 3.92 -5.75
C LEU A 352 10.23 3.62 -6.78
N GLU A 353 10.02 2.58 -7.58
CA GLU A 353 11.04 2.12 -8.51
C GLU A 353 10.48 2.00 -9.92
N ARG A 354 11.36 2.29 -10.90
CA ARG A 354 11.06 2.12 -12.32
C ARG A 354 12.32 1.63 -13.02
N VAL A 355 12.14 0.76 -14.01
CA VAL A 355 13.27 0.24 -14.78
C VAL A 355 13.47 1.10 -16.02
N CYS A 356 14.73 1.44 -16.29
CA CYS A 356 15.07 2.26 -17.44
C CYS A 356 15.22 1.37 -18.68
N LYS A 357 14.34 1.57 -19.66
CA LYS A 357 14.29 0.69 -20.83
C LYS A 357 15.30 1.06 -21.91
N LYS A 358 15.87 2.27 -21.87
CA LYS A 358 16.83 2.69 -22.88
C LYS A 358 17.63 3.87 -22.35
N ASP A 359 18.80 4.09 -22.96
CA ASP A 359 19.64 5.22 -22.59
C ASP A 359 18.90 6.54 -22.79
N VAL A 360 18.81 7.33 -21.72
CA VAL A 360 18.07 8.58 -21.73
C VAL A 360 18.81 9.60 -20.88
N GLU A 361 18.73 10.87 -21.29
CA GLU A 361 19.27 12.00 -20.54
C GLU A 361 18.13 12.92 -20.16
N ILE A 362 17.76 12.93 -18.88
CA ILE A 362 16.69 13.77 -18.37
C ILE A 362 17.27 14.81 -17.42
N ASN A 363 16.82 16.05 -17.56
CA ASN A 363 17.17 17.14 -16.66
C ASN A 363 18.68 17.26 -16.47
N GLY A 364 19.43 16.97 -17.54
CA GLY A 364 20.88 17.10 -17.50
C GLY A 364 21.63 15.98 -16.83
N MET A 365 21.08 14.76 -16.81
CA MET A 365 21.78 13.61 -16.25
C MET A 365 21.51 12.39 -17.11
N PHE A 366 22.57 11.63 -17.39
CA PHE A 366 22.48 10.46 -18.26
C PHE A 366 22.26 9.21 -17.42
N ILE A 367 21.18 8.49 -17.72
CA ILE A 367 20.82 7.26 -17.02
C ILE A 367 20.99 6.11 -17.99
N PRO A 368 21.81 5.10 -17.68
CA PRO A 368 22.01 3.99 -18.62
C PRO A 368 20.79 3.08 -18.70
N LYS A 369 20.78 2.26 -19.74
CA LYS A 369 19.72 1.27 -19.92
C LYS A 369 19.85 0.16 -18.88
N GLY A 370 18.72 -0.28 -18.35
CA GLY A 370 18.69 -1.34 -17.36
C GLY A 370 18.90 -0.89 -15.94
N VAL A 371 19.13 0.39 -15.71
CA VAL A 371 19.31 0.91 -14.36
C VAL A 371 17.95 1.13 -13.72
N VAL A 372 17.79 0.69 -12.48
CA VAL A 372 16.56 0.88 -11.72
C VAL A 372 16.61 2.26 -11.07
N VAL A 373 15.71 3.14 -11.50
CA VAL A 373 15.59 4.47 -10.92
C VAL A 373 14.63 4.40 -9.74
N MET A 374 15.09 4.86 -8.58
CA MET A 374 14.33 4.73 -7.34
C MET A 374 14.07 6.10 -6.74
N ILE A 375 12.85 6.31 -6.26
CA ILE A 375 12.42 7.54 -5.61
C ILE A 375 12.28 7.24 -4.11
N PRO A 376 13.14 7.79 -3.26
CA PRO A 376 13.04 7.49 -1.83
C PRO A 376 11.90 8.25 -1.15
N SER A 377 10.70 7.68 -1.18
CA SER A 377 9.53 8.37 -0.63
C SER A 377 9.68 8.62 0.87
N TYR A 378 10.18 7.63 1.61
CA TYR A 378 10.35 7.81 3.05
C TYR A 378 11.36 8.90 3.36
N ALA A 379 12.48 8.91 2.64
CA ALA A 379 13.51 9.93 2.88
C ALA A 379 13.04 11.33 2.48
N LEU A 380 12.24 11.42 1.41
CA LEU A 380 11.73 12.72 0.99
C LEU A 380 10.59 13.21 1.89
N HIS A 381 9.83 12.29 2.47
CA HIS A 381 8.77 12.69 3.39
C HIS A 381 9.31 13.23 4.70
N ARG A 382 10.56 12.93 5.04
CA ARG A 382 11.15 13.37 6.29
C ARG A 382 12.34 14.29 6.06
N ASP A 383 12.48 14.84 4.86
CA ASP A 383 13.55 15.76 4.56
C ASP A 383 13.29 17.09 5.26
N PRO A 384 14.18 17.55 6.16
CA PRO A 384 13.94 18.84 6.83
C PRO A 384 13.88 20.02 5.87
N LYS A 385 14.35 19.86 4.64
CA LYS A 385 14.25 20.95 3.66
C LYS A 385 12.80 21.25 3.32
N TYR A 386 11.98 20.21 3.13
CA TYR A 386 10.60 20.40 2.69
C TYR A 386 9.61 20.44 3.85
N TRP A 387 9.96 19.90 5.01
CA TRP A 387 9.04 19.80 6.14
C TRP A 387 9.73 20.30 7.39
N THR A 388 9.14 21.30 8.04
CA THR A 388 9.68 21.82 9.29
C THR A 388 9.37 20.85 10.43
N GLU A 389 10.38 20.54 11.23
CA GLU A 389 10.31 19.53 12.28
C GLU A 389 9.72 18.25 11.69
N PRO A 390 10.45 17.58 10.80
CA PRO A 390 9.82 16.48 10.04
C PRO A 390 9.44 15.27 10.88
N GLU A 391 10.12 15.06 12.01
CA GLU A 391 9.83 13.92 12.88
C GLU A 391 8.60 14.12 13.76
N LYS A 392 7.89 15.24 13.61
CA LYS A 392 6.75 15.56 14.45
C LYS A 392 5.45 15.35 13.69
N PHE A 393 4.43 14.85 14.38
CA PHE A 393 3.12 14.60 13.81
C PHE A 393 2.30 15.88 13.92
N LEU A 394 2.21 16.62 12.81
CA LEU A 394 1.51 17.90 12.77
C LEU A 394 0.51 17.89 11.61
N PRO A 395 -0.78 17.65 11.88
CA PRO A 395 -1.75 17.61 10.78
C PRO A 395 -1.93 18.93 10.06
N GLU A 396 -1.45 20.04 10.63
CA GLU A 396 -1.63 21.35 10.01
C GLU A 396 -0.83 21.53 8.73
N ARG A 397 0.15 20.65 8.46
CA ARG A 397 0.90 20.74 7.21
C ARG A 397 -0.02 20.60 6.00
N PHE A 398 -1.09 19.84 6.14
CA PHE A 398 -2.01 19.58 5.03
C PHE A 398 -3.31 20.38 5.13
N SER A 399 -3.34 21.41 5.97
CA SER A 399 -4.47 22.32 5.98
C SER A 399 -4.58 23.03 4.63
N LYS A 400 -5.78 23.55 4.34
CA LYS A 400 -6.02 24.18 3.05
C LYS A 400 -5.11 25.38 2.80
N LYS A 401 -4.51 25.94 3.85
CA LYS A 401 -3.58 27.05 3.68
C LYS A 401 -2.25 26.57 3.11
N ASN A 402 -1.65 25.57 3.75
CA ASN A 402 -0.30 25.13 3.41
C ASN A 402 -0.26 23.90 2.51
N LYS A 403 -1.42 23.31 2.18
CA LYS A 403 -1.42 22.15 1.31
C LYS A 403 -0.99 22.49 -0.12
N ASP A 404 -1.02 23.77 -0.48
CA ASP A 404 -0.58 24.18 -1.80
C ASP A 404 0.93 24.32 -1.89
N ASN A 405 1.63 24.40 -0.76
CA ASN A 405 3.09 24.42 -0.75
C ASN A 405 3.71 23.04 -0.79
N ILE A 406 2.89 22.00 -0.95
CA ILE A 406 3.35 20.62 -0.94
C ILE A 406 3.54 20.15 -2.38
N ASP A 407 4.76 19.76 -2.71
CA ASP A 407 5.06 19.29 -4.06
C ASP A 407 4.49 17.89 -4.26
N PRO A 408 3.71 17.64 -5.32
CA PRO A 408 3.14 16.31 -5.54
C PRO A 408 4.17 15.24 -5.83
N TYR A 409 5.45 15.59 -5.95
CA TYR A 409 6.51 14.61 -6.20
C TYR A 409 7.47 14.47 -5.03
N ILE A 410 7.34 15.31 -4.00
CA ILE A 410 8.01 15.08 -2.73
C ILE A 410 7.13 14.24 -1.80
N TYR A 411 5.83 14.49 -1.82
CA TYR A 411 4.86 13.72 -1.04
C TYR A 411 4.17 12.75 -2.00
N THR A 412 4.66 11.51 -2.04
CA THR A 412 4.13 10.47 -2.93
C THR A 412 3.82 9.22 -2.12
N PRO A 413 2.79 9.26 -1.28
CA PRO A 413 2.42 8.04 -0.54
C PRO A 413 1.77 7.00 -1.43
N PHE A 414 1.10 7.43 -2.50
CA PHE A 414 0.49 6.52 -3.46
C PHE A 414 1.18 6.56 -4.82
N GLY A 415 2.45 6.98 -4.85
CA GLY A 415 3.14 7.11 -6.11
C GLY A 415 2.58 8.26 -6.93
N SER A 416 2.88 8.22 -8.23
CA SER A 416 2.41 9.24 -9.15
C SER A 416 2.55 8.71 -10.58
N GLY A 417 1.85 9.37 -11.49
CA GLY A 417 1.89 9.02 -12.89
C GLY A 417 0.91 7.93 -13.25
N PRO A 418 1.03 7.38 -14.46
CA PRO A 418 0.07 6.35 -14.90
C PRO A 418 0.15 5.05 -14.10
N ARG A 419 1.21 4.82 -13.34
CA ARG A 419 1.35 3.62 -12.52
C ARG A 419 1.17 3.90 -11.04
N ASN A 420 0.39 4.92 -10.71
CA ASN A 420 0.10 5.21 -9.31
C ASN A 420 -0.80 4.14 -8.73
N CYS A 421 -1.05 4.23 -7.43
CA CYS A 421 -1.92 3.27 -6.75
C CYS A 421 -3.33 3.37 -7.31
N ILE A 422 -3.80 2.28 -7.94
CA ILE A 422 -5.14 2.27 -8.50
C ILE A 422 -6.21 2.13 -7.42
N GLY A 423 -5.82 1.78 -6.20
CA GLY A 423 -6.77 1.68 -5.10
C GLY A 423 -6.61 2.80 -4.09
N MET A 424 -6.13 3.96 -4.54
CA MET A 424 -5.91 5.09 -3.64
C MET A 424 -7.23 5.59 -3.06
N ARG A 425 -8.19 5.94 -3.92
CA ARG A 425 -9.47 6.44 -3.44
C ARG A 425 -10.18 5.40 -2.57
N PHE A 426 -10.10 4.12 -2.95
CA PHE A 426 -10.74 3.08 -2.16
C PHE A 426 -10.11 2.97 -0.79
N ALA A 427 -8.78 2.89 -0.72
CA ALA A 427 -8.09 2.74 0.56
C ALA A 427 -8.34 3.96 1.45
N LEU A 428 -8.37 5.15 0.86
CA LEU A 428 -8.67 6.36 1.63
C LEU A 428 -10.09 6.31 2.17
N MET A 429 -11.05 5.91 1.34
CA MET A 429 -12.43 5.81 1.80
C MET A 429 -12.59 4.70 2.84
N ASN A 430 -11.88 3.58 2.65
CA ASN A 430 -12.00 2.45 3.58
C ASN A 430 -11.48 2.83 4.96
N MET A 431 -10.30 3.45 5.02
CA MET A 431 -9.71 3.81 6.30
C MET A 431 -10.51 4.92 6.99
N LYS A 432 -11.05 5.86 6.22
CA LYS A 432 -11.82 6.95 6.81
C LYS A 432 -13.14 6.46 7.38
N LEU A 433 -13.80 5.53 6.68
CA LEU A 433 -15.04 4.96 7.20
C LEU A 433 -14.79 4.23 8.52
N ALA A 434 -13.65 3.55 8.63
CA ALA A 434 -13.31 2.87 9.88
C ALA A 434 -13.01 3.87 10.99
N LEU A 435 -12.25 4.92 10.66
CA LEU A 435 -11.89 5.91 11.68
C LEU A 435 -13.11 6.63 12.22
N ILE A 436 -14.08 6.93 11.36
CA ILE A 436 -15.27 7.67 11.81
C ILE A 436 -16.08 6.84 12.78
N ARG A 437 -16.39 5.58 12.41
CA ARG A 437 -17.15 4.71 13.30
C ARG A 437 -16.40 4.46 14.59
N VAL A 438 -15.07 4.28 14.52
CA VAL A 438 -14.28 4.01 15.70
C VAL A 438 -14.21 5.24 16.60
N LEU A 439 -13.97 6.41 16.01
CA LEU A 439 -13.85 7.63 16.81
C LEU A 439 -15.20 8.18 17.26
N GLN A 440 -16.29 7.79 16.60
CA GLN A 440 -17.62 8.14 17.10
C GLN A 440 -17.87 7.49 18.46
N ASN A 441 -17.56 6.21 18.58
CA ASN A 441 -17.90 5.44 19.76
C ASN A 441 -16.79 5.34 20.80
N PHE A 442 -15.53 5.57 20.42
CA PHE A 442 -14.42 5.28 21.32
C PHE A 442 -13.42 6.42 21.33
N SER A 443 -12.58 6.40 22.36
CA SER A 443 -11.39 7.24 22.47
C SER A 443 -10.24 6.35 22.91
N PHE A 444 -9.07 6.53 22.29
CA PHE A 444 -7.94 5.64 22.49
C PHE A 444 -6.87 6.32 23.33
N LYS A 445 -6.45 5.66 24.40
CA LYS A 445 -5.49 6.20 25.35
C LYS A 445 -4.28 5.27 25.46
N PRO A 446 -3.11 5.81 25.77
CA PRO A 446 -1.93 4.98 25.97
C PRO A 446 -1.97 4.26 27.31
N CYS A 447 -1.20 3.19 27.39
CA CYS A 447 -1.01 2.43 28.62
C CYS A 447 0.48 2.16 28.82
N LYS A 448 0.82 1.52 29.94
CA LYS A 448 2.22 1.29 30.26
C LYS A 448 2.90 0.40 29.23
N GLU A 449 2.15 -0.50 28.60
CA GLU A 449 2.69 -1.40 27.58
C GLU A 449 2.74 -0.77 26.20
N THR A 450 2.51 0.54 26.09
CA THR A 450 2.57 1.25 24.82
C THR A 450 3.92 1.92 24.68
N GLN A 451 4.59 1.68 23.55
CA GLN A 451 5.88 2.31 23.27
C GLN A 451 5.67 3.78 22.96
N ILE A 452 5.78 4.64 23.97
CA ILE A 452 5.52 6.07 23.77
C ILE A 452 6.45 6.68 22.73
N PRO A 453 7.76 6.42 22.74
CA PRO A 453 8.57 6.74 21.56
C PRO A 453 8.57 5.58 20.58
N LEU A 454 7.72 5.65 19.56
CA LEU A 454 7.53 4.52 18.65
C LEU A 454 8.80 4.26 17.85
N LYS A 455 9.33 3.05 17.96
CA LYS A 455 10.45 2.60 17.16
C LYS A 455 9.93 1.71 16.03
N LEU A 456 10.56 1.81 14.87
CA LEU A 456 10.16 1.05 13.70
C LEU A 456 11.05 -0.17 13.52
N SER A 457 10.46 -1.24 12.97
CA SER A 457 11.21 -2.46 12.73
C SER A 457 12.31 -2.22 11.71
N LEU A 458 13.38 -3.00 11.83
CA LEU A 458 14.52 -2.90 10.93
C LEU A 458 14.43 -3.88 9.76
N GLY A 459 13.30 -4.56 9.60
CA GLY A 459 13.10 -5.43 8.46
C GLY A 459 12.80 -4.66 7.21
N GLY A 460 12.25 -5.37 6.22
CA GLY A 460 11.86 -4.77 4.96
C GLY A 460 10.46 -4.22 4.91
N LEU A 461 9.75 -4.19 6.05
CA LEU A 461 8.40 -3.70 6.12
C LEU A 461 8.34 -2.48 7.02
N LEU A 462 7.63 -1.45 6.58
CA LEU A 462 7.42 -0.25 7.40
C LEU A 462 6.31 -0.56 8.40
N GLN A 463 6.70 -1.13 9.53
CA GLN A 463 5.79 -1.54 10.58
C GLN A 463 6.42 -1.20 11.92
N PRO A 464 5.59 -1.03 12.97
CA PRO A 464 6.16 -0.78 14.30
C PRO A 464 7.00 -1.97 14.77
N GLU A 465 8.05 -1.64 15.52
CA GLU A 465 8.91 -2.69 16.06
C GLU A 465 8.12 -3.64 16.95
N LYS A 466 7.48 -3.09 17.97
CA LYS A 466 6.51 -3.86 18.75
C LYS A 466 5.10 -3.50 18.32
N PRO A 467 4.21 -4.49 18.23
CA PRO A 467 2.84 -4.21 17.80
C PRO A 467 2.16 -3.20 18.70
N VAL A 468 1.55 -2.18 18.08
CA VAL A 468 0.94 -1.09 18.83
C VAL A 468 -0.24 -1.61 19.64
N VAL A 469 -0.23 -1.32 20.94
CA VAL A 469 -1.30 -1.72 21.85
C VAL A 469 -1.72 -0.50 22.65
N LEU A 470 -3.02 -0.27 22.73
CA LEU A 470 -3.57 0.92 23.39
C LEU A 470 -4.79 0.52 24.20
N LYS A 471 -5.34 1.50 24.92
CA LYS A 471 -6.53 1.30 25.73
C LYS A 471 -7.75 1.89 25.01
N VAL A 472 -8.86 1.15 25.05
CA VAL A 472 -10.11 1.56 24.41
C VAL A 472 -11.12 1.86 25.50
N GLU A 473 -11.67 3.09 25.47
CA GLU A 473 -12.64 3.53 26.46
C GLU A 473 -13.87 4.06 25.73
N SER A 474 -15.05 3.62 26.16
CA SER A 474 -16.28 3.95 25.46
C SER A 474 -16.68 5.40 25.71
N ARG A 475 -17.02 6.10 24.63
CA ARG A 475 -17.54 7.46 24.74
C ARG A 475 -19.01 7.41 25.16
N ASP A 476 -19.33 8.03 26.29
CA ASP A 476 -20.69 8.08 26.82
C ASP A 476 -21.27 6.68 27.00
CHA HEM B . 0.49 0.68 -6.35
CHB HEM B . 0.41 2.84 -1.94
CHC HEM B . -3.65 0.34 -0.99
CHD HEM B . -3.82 -1.41 -5.49
C1A HEM B . 0.84 1.44 -5.24
C2A HEM B . 2.03 2.26 -5.11
C3A HEM B . 1.99 2.85 -3.90
C4A HEM B . 0.79 2.44 -3.22
CMA HEM B . 3.04 3.81 -3.31
CAA HEM B . 3.15 2.44 -6.16
CBA HEM B . 2.75 3.45 -7.24
CGA HEM B . 3.95 3.89 -8.00
O1A HEM B . 4.71 2.98 -8.45
O2A HEM B . 3.94 5.03 -8.54
C1B HEM B . -0.69 2.32 -1.27
C2B HEM B . -1.09 2.59 0.10
C3B HEM B . -2.21 1.90 0.35
C4B HEM B . -2.56 1.16 -0.85
CMB HEM B . -0.31 3.54 1.07
CAB HEM B . -3.03 1.82 1.65
CBB HEM B . -3.45 2.87 2.38
C1C HEM B . -4.06 -0.33 -2.11
C2C HEM B . -5.24 -1.15 -2.21
C3C HEM B . -5.30 -1.65 -3.46
C4C HEM B . -4.15 -1.16 -4.18
CMC HEM B . -6.22 -1.38 -1.06
CAC HEM B . -6.37 -2.58 -4.07
CBC HEM B . -7.02 -2.31 -5.20
C1D HEM B . -2.65 -1.01 -6.09
C2D HEM B . -2.22 -1.38 -7.41
C3D HEM B . -1.04 -0.81 -7.67
C4D HEM B . -0.65 -0.05 -6.50
CMD HEM B . -3.05 -2.28 -8.33
CAD HEM B . -0.22 -0.95 -8.96
CBD HEM B . -0.94 -0.26 -10.11
CGD HEM B . -0.04 -0.09 -11.31
O1D HEM B . 0.77 -1.03 -11.53
O2D HEM B . -0.35 0.75 -12.20
NA HEM B . 0.11 1.57 -4.07
NB HEM B . -1.61 1.45 -1.82
NC HEM B . -3.42 -0.36 -3.33
ND HEM B . -1.67 -0.20 -5.56
FE HEM B . -1.69 0.65 -3.69
C10 A1ASV C . 5.53 -2.10 0.00
C13 A1ASV C . 2.99 -4.15 -3.10
C15 A1ASV C . 3.74 -5.19 -3.69
C17 A1ASV C . 1.17 -4.83 -4.63
C20 A1ASV C . 0.32 -2.75 -1.71
C21 A1ASV C . 0.29 -1.79 -3.71
C22 A1ASV C . -0.44 -1.58 -1.65
C08 A1ASV C . 4.17 -2.63 0.46
C09 A1ASV C . 3.56 -3.57 -0.64
C11 A1ASV C . 4.39 -3.40 1.80
C12 A1ASV C . 3.21 -1.47 0.74
C14 A1ASV C . 1.65 -3.98 -3.58
C16 A1ASV C . 3.26 -6.03 -4.70
C18 A1ASV C . 1.96 -5.85 -5.18
C19 A1ASV C . 4.20 -7.15 -5.28
F01 A1ASV C . 3.76 -8.42 -5.10
F02 A1ASV C . 4.41 -7.11 -6.61
F03 A1ASV C . 5.45 -7.20 -4.79
N05 A1ASV C . 3.55 -3.34 -2.04
N06 A1ASV C . 0.80 -2.92 -3.04
N07 A1ASV C . -0.44 -1.00 -2.91
O04 A1ASV C . 3.05 -4.59 -0.23
C1 EDO D . 4.51 -0.82 -5.17
O1 EDO D . 3.91 -2.10 -5.41
C2 EDO D . 4.83 -0.69 -3.68
O2 EDO D . 3.63 -0.80 -2.91
C1 EDO E . -10.63 -5.25 -1.24
O1 EDO E . -11.57 -5.39 -2.30
C2 EDO E . -9.52 -4.28 -1.63
O2 EDO E . -8.45 -5.00 -2.27
#